data_7LM7
#
_entry.id   7LM7
#
_cell.length_a   47.346
_cell.length_b   72.959
_cell.length_c   81.463
_cell.angle_alpha   90.00
_cell.angle_beta   95.57
_cell.angle_gamma   90.00
#
_symmetry.space_group_name_H-M   'C 1 2 1'
#
loop_
_entity.id
_entity.type
_entity.pdbx_description
1 polymer 'Adhesion protein'
2 non-polymer 'ZINC ION'
3 non-polymer 'CHLORIDE ION'
#
_entity_poly.entity_id   1
_entity_poly.type   'polypeptide(L)'
_entity_poly.pdbx_seq_one_letter_code
;HMGTGSLGGGFPGKGMKIVTSFYPIYAMVKEVSGDLNDVRMIQSSSGIHSFEPSANDIAAIYDADVFVYHSHTLESWAGS
LDPNLKKSKVKVLEASEGMTLERVPGLEDVEAGDGVDEKTLYDPHTWLDPEKAGEEAQIIADKLSEVDSEHKETYQKNAQ
AFIKKAQELTKKFQPKFEKATQKTFVTQHTAFSYLAKRFGLNQLGIAGISPEQEPSPRQLTEIQEFVKTYKVKTIFTESN
ASSKVAETLVKSTGVGLKTLNPLQSDPQNDKTYLENLEENMSILAEELKGNLYFQ
;
_entity_poly.pdbx_strand_id   A
#
loop_
_chem_comp.id
_chem_comp.type
_chem_comp.name
_chem_comp.formula
CL non-polymer 'CHLORIDE ION' 'Cl -1'
ZN non-polymer 'ZINC ION' 'Zn 2'
#
# COMPACT_ATOMS: atom_id res chain seq x y z
N PRO A 12 -16.05 23.17 -14.68
CA PRO A 12 -15.06 22.14 -15.00
C PRO A 12 -15.23 21.56 -16.40
N GLY A 13 -14.13 21.38 -17.11
CA GLY A 13 -14.17 20.77 -18.43
C GLY A 13 -14.33 19.26 -18.34
N LYS A 14 -13.25 18.56 -17.99
CA LYS A 14 -13.35 17.14 -17.71
C LYS A 14 -13.91 16.86 -16.32
N GLY A 15 -13.84 17.83 -15.41
CA GLY A 15 -14.27 17.65 -14.04
C GLY A 15 -13.28 18.26 -13.07
N MET A 16 -13.19 17.71 -11.86
CA MET A 16 -12.17 18.15 -10.92
C MET A 16 -10.83 17.54 -11.30
N LYS A 17 -9.78 18.37 -11.29
CA LYS A 17 -8.43 17.89 -11.58
C LYS A 17 -7.83 17.36 -10.29
N ILE A 18 -7.93 16.06 -10.09
CA ILE A 18 -7.47 15.40 -8.86
C ILE A 18 -6.05 14.91 -9.07
N VAL A 19 -5.21 15.09 -8.04
CA VAL A 19 -3.84 14.60 -8.04
C VAL A 19 -3.70 13.64 -6.86
N THR A 20 -3.10 12.47 -7.12
CA THR A 20 -2.96 11.43 -6.12
C THR A 20 -1.49 11.16 -5.83
N SER A 21 -1.23 10.60 -4.66
CA SER A 21 0.12 10.33 -4.13
C SER A 21 0.81 9.23 -4.90
N PHE A 22 0.31 8.02 -4.80
CA PHE A 22 0.97 6.91 -5.50
C PHE A 22 -0.08 5.94 -6.04
N TYR A 23 0.37 4.79 -6.46
CA TYR A 23 -0.52 3.96 -7.27
C TYR A 23 -1.78 3.47 -6.57
N PRO A 24 -1.74 2.97 -5.33
CA PRO A 24 -3.01 2.54 -4.70
C PRO A 24 -4.04 3.65 -4.60
N ILE A 25 -3.62 4.83 -4.14
CA ILE A 25 -4.54 5.96 -4.03
C ILE A 25 -5.05 6.36 -5.41
N TYR A 26 -4.17 6.37 -6.41
CA TYR A 26 -4.57 6.71 -7.77
C TYR A 26 -5.63 5.75 -8.28
N ALA A 27 -5.39 4.44 -8.13
CA ALA A 27 -6.32 3.45 -8.63
C ALA A 27 -7.66 3.53 -7.92
N MET A 28 -7.65 3.68 -6.59
CA MET A 28 -8.91 3.73 -5.86
C MET A 28 -9.68 5.00 -6.16
N VAL A 29 -9.00 6.15 -6.30
CA VAL A 29 -9.70 7.38 -6.66
C VAL A 29 -10.25 7.28 -8.08
N LYS A 30 -9.48 6.70 -9.00
CA LYS A 30 -9.93 6.57 -10.38
C LYS A 30 -11.12 5.62 -10.49
N GLU A 31 -11.18 4.60 -9.62
CA GLU A 31 -12.29 3.66 -9.70
C GLU A 31 -13.53 4.13 -8.95
N VAL A 32 -13.35 4.89 -7.86
CA VAL A 32 -14.50 5.48 -7.18
C VAL A 32 -15.08 6.60 -8.04
N SER A 33 -14.22 7.43 -8.62
CA SER A 33 -14.69 8.51 -9.49
C SER A 33 -15.22 7.98 -10.80
N GLY A 34 -14.66 6.90 -11.32
CA GLY A 34 -15.14 6.35 -12.57
C GLY A 34 -14.72 7.22 -13.74
N ASP A 35 -15.67 7.47 -14.64
CA ASP A 35 -15.44 8.34 -15.80
C ASP A 35 -15.86 9.77 -15.53
N LEU A 36 -15.60 10.29 -14.34
CA LEU A 36 -16.15 11.58 -13.93
C LEU A 36 -15.12 12.71 -13.95
N ASN A 37 -13.94 12.50 -13.37
CA ASN A 37 -12.96 13.56 -13.21
C ASN A 37 -11.64 13.18 -13.85
N ASP A 38 -10.76 14.18 -13.98
CA ASP A 38 -9.43 14.00 -14.54
C ASP A 38 -8.45 13.76 -13.38
N VAL A 39 -7.97 12.53 -13.27
CA VAL A 39 -7.15 12.10 -12.14
C VAL A 39 -5.76 11.77 -12.63
N ARG A 40 -4.78 12.47 -12.06
CA ARG A 40 -3.34 12.28 -12.35
C ARG A 40 -2.62 11.95 -11.04
N MET A 41 -1.39 11.44 -11.10
CA MET A 41 -0.63 11.11 -9.87
C MET A 41 0.82 11.53 -10.07
N ILE A 42 1.47 12.06 -9.04
CA ILE A 42 2.89 12.54 -9.17
C ILE A 42 3.81 11.35 -9.35
N GLN A 43 4.93 11.54 -10.06
CA GLN A 43 5.81 10.39 -10.39
C GLN A 43 6.61 9.89 -9.19
N SER A 44 6.08 8.85 -8.52
CA SER A 44 6.61 8.26 -7.27
C SER A 44 7.09 6.81 -7.45
N SER A 45 7.64 6.46 -8.62
CA SER A 45 8.17 5.08 -8.88
C SER A 45 9.34 4.77 -7.92
N SER A 46 10.16 5.79 -7.63
CA SER A 46 11.40 5.66 -6.83
C SER A 46 11.16 5.60 -5.31
N GLY A 47 10.24 4.76 -4.83
CA GLY A 47 10.08 4.62 -3.37
C GLY A 47 9.09 5.62 -2.82
N ILE A 48 8.13 5.17 -2.05
CA ILE A 48 7.20 6.19 -1.52
C ILE A 48 7.71 6.57 -0.13
N HIS A 49 8.36 5.65 0.57
CA HIS A 49 8.89 5.91 1.90
C HIS A 49 10.06 6.88 1.86
N SER A 50 10.86 6.85 0.79
CA SER A 50 11.98 7.76 0.60
C SER A 50 11.74 8.70 -0.58
N PHE A 51 10.52 9.22 -0.68
CA PHE A 51 10.13 10.08 -1.78
C PHE A 51 10.09 11.53 -1.30
N GLU A 52 10.87 12.39 -1.95
CA GLU A 52 10.85 13.82 -1.67
C GLU A 52 10.35 14.55 -2.91
N PRO A 53 9.24 15.29 -2.84
CA PRO A 53 8.67 15.90 -4.04
C PRO A 53 9.47 17.11 -4.51
N SER A 54 9.31 17.40 -5.80
CA SER A 54 9.97 18.53 -6.43
C SER A 54 9.07 19.76 -6.38
N ALA A 55 9.65 20.91 -6.75
CA ALA A 55 8.89 22.15 -6.79
C ALA A 55 7.80 22.11 -7.85
N ASN A 56 8.05 21.43 -8.96
CA ASN A 56 7.05 21.32 -10.02
C ASN A 56 5.83 20.53 -9.53
N ASP A 57 6.06 19.42 -8.83
CA ASP A 57 4.95 18.63 -8.32
C ASP A 57 4.16 19.40 -7.27
N ILE A 58 4.85 20.17 -6.43
CA ILE A 58 4.15 20.98 -5.42
C ILE A 58 3.32 22.06 -6.09
N ALA A 59 3.87 22.71 -7.12
CA ALA A 59 3.11 23.72 -7.86
C ALA A 59 1.90 23.10 -8.54
N ALA A 60 2.04 21.88 -9.06
CA ALA A 60 0.90 21.19 -9.66
C ALA A 60 -0.16 20.87 -8.61
N ILE A 61 0.28 20.49 -7.40
CA ILE A 61 -0.68 20.21 -6.33
C ILE A 61 -1.43 21.47 -5.94
N TYR A 62 -0.73 22.61 -5.89
CA TYR A 62 -1.38 23.85 -5.50
C TYR A 62 -2.28 24.40 -6.60
N ASP A 63 -2.07 24.02 -7.86
CA ASP A 63 -2.92 24.45 -8.96
C ASP A 63 -4.01 23.43 -9.28
N ALA A 64 -4.27 22.49 -8.38
CA ALA A 64 -5.27 21.46 -8.59
C ALA A 64 -6.51 21.75 -7.75
N ASP A 65 -7.54 20.92 -7.95
CA ASP A 65 -8.78 21.05 -7.20
C ASP A 65 -8.77 20.19 -5.93
N VAL A 66 -8.32 18.95 -6.03
CA VAL A 66 -8.29 18.03 -4.91
C VAL A 66 -6.98 17.26 -4.95
N PHE A 67 -6.30 17.17 -3.81
CA PHE A 67 -5.10 16.36 -3.65
C PHE A 67 -5.37 15.28 -2.63
N VAL A 68 -5.09 14.03 -2.98
CA VAL A 68 -5.37 12.86 -2.11
C VAL A 68 -4.07 12.12 -1.79
N TYR A 69 -3.78 11.90 -0.52
CA TYR A 69 -2.60 11.11 -0.10
C TYR A 69 -3.08 10.01 0.85
N HIS A 70 -2.23 9.05 1.14
CA HIS A 70 -2.67 7.94 2.00
C HIS A 70 -2.66 8.28 3.48
N SER A 71 -1.49 8.56 4.03
CA SER A 71 -1.47 8.82 5.49
C SER A 71 -0.30 9.69 5.83
N HIS A 72 -0.39 10.40 6.93
CA HIS A 72 0.70 11.28 7.40
C HIS A 72 1.82 10.39 7.91
N THR A 73 1.55 9.12 8.15
CA THR A 73 2.59 8.18 8.54
C THR A 73 3.40 7.65 7.36
N LEU A 74 2.92 7.86 6.14
CA LEU A 74 3.66 7.47 4.93
C LEU A 74 4.24 8.71 4.26
N GLU A 75 3.39 9.56 3.67
CA GLU A 75 3.84 10.78 3.01
C GLU A 75 3.79 11.92 4.03
N SER A 76 4.85 12.01 4.83
CA SER A 76 4.91 13.07 5.84
C SER A 76 5.00 14.45 5.19
N TRP A 77 5.54 14.53 3.98
CA TRP A 77 5.68 15.79 3.27
C TRP A 77 4.33 16.40 2.88
N ALA A 78 3.24 15.63 2.95
CA ALA A 78 1.92 16.18 2.67
C ALA A 78 1.38 16.98 3.85
N GLY A 79 1.96 16.81 5.05
CA GLY A 79 1.51 17.59 6.19
C GLY A 79 2.01 19.02 6.17
N SER A 80 3.20 19.25 5.60
CA SER A 80 3.73 20.60 5.50
C SER A 80 3.03 21.43 4.44
N LEU A 81 2.17 20.83 3.63
CA LEU A 81 1.43 21.58 2.62
C LEU A 81 0.46 22.55 3.28
N ASP A 82 0.46 23.79 2.82
CA ASP A 82 -0.42 24.83 3.34
C ASP A 82 -1.07 25.58 2.18
N PRO A 83 -2.34 25.29 1.87
CA PRO A 83 -2.97 25.94 0.71
C PRO A 83 -3.46 27.36 0.98
N ASN A 84 -3.70 27.72 2.25
CA ASN A 84 -4.29 29.03 2.53
C ASN A 84 -3.30 30.15 2.29
N LEU A 85 -2.06 29.99 2.76
CA LEU A 85 -1.07 31.07 2.63
C LEU A 85 -0.54 31.23 1.22
N LYS A 86 -0.80 30.27 0.32
CA LYS A 86 -0.31 30.35 -1.05
C LYS A 86 -1.42 30.65 -2.05
N LYS A 87 -2.55 31.18 -1.58
CA LYS A 87 -3.64 31.64 -2.44
C LYS A 87 -4.14 30.52 -3.35
N SER A 88 -4.16 29.30 -2.83
CA SER A 88 -4.63 28.14 -3.57
C SER A 88 -5.92 27.61 -2.95
N LYS A 89 -6.79 27.07 -3.80
CA LYS A 89 -8.08 26.55 -3.39
C LYS A 89 -8.11 25.03 -3.32
N VAL A 90 -6.95 24.38 -3.43
CA VAL A 90 -6.91 22.92 -3.43
C VAL A 90 -7.39 22.37 -2.09
N LYS A 91 -8.16 21.30 -2.14
CA LYS A 91 -8.63 20.61 -0.95
C LYS A 91 -7.79 19.37 -0.74
N VAL A 92 -7.03 19.33 0.36
CA VAL A 92 -6.17 18.20 0.68
C VAL A 92 -6.98 17.19 1.48
N LEU A 93 -6.95 15.93 1.03
CA LEU A 93 -7.71 14.86 1.65
C LEU A 93 -6.78 13.72 2.04
N GLU A 94 -6.89 13.27 3.30
CA GLU A 94 -6.17 12.12 3.78
C GLU A 94 -7.05 10.89 3.58
N ALA A 95 -6.66 10.02 2.65
CA ALA A 95 -7.52 8.90 2.26
C ALA A 95 -7.71 7.88 3.36
N SER A 96 -6.87 7.90 4.40
CA SER A 96 -6.93 6.90 5.47
C SER A 96 -7.32 7.51 6.82
N GLU A 97 -8.01 8.65 6.81
CA GLU A 97 -8.42 9.28 8.06
C GLU A 97 -9.49 8.45 8.74
N GLY A 98 -9.26 8.09 9.99
CA GLY A 98 -10.16 7.27 10.76
C GLY A 98 -9.83 5.79 10.77
N MET A 99 -8.97 5.34 9.86
CA MET A 99 -8.56 3.94 9.86
C MET A 99 -7.62 3.66 11.02
N THR A 100 -7.63 2.40 11.46
CA THR A 100 -6.78 1.94 12.55
C THR A 100 -5.52 1.31 11.98
N LEU A 101 -4.36 1.83 12.36
CA LEU A 101 -3.07 1.32 11.91
C LEU A 101 -2.47 0.42 12.97
N GLU A 102 -2.06 -0.79 12.56
CA GLU A 102 -1.43 -1.72 13.48
C GLU A 102 0.00 -1.28 13.79
N ARG A 103 0.56 -1.89 14.82
CA ARG A 103 1.93 -1.59 15.23
C ARG A 103 2.93 -2.19 14.24
N VAL A 104 4.06 -1.52 14.10
CA VAL A 104 5.13 -2.02 13.22
C VAL A 104 5.69 -3.31 13.79
N PRO A 105 5.85 -4.37 13.00
CA PRO A 105 6.42 -5.62 13.51
C PRO A 105 7.82 -5.39 14.07
N GLY A 106 8.02 -5.78 15.33
CA GLY A 106 9.26 -5.56 16.04
C GLY A 106 9.27 -4.35 16.93
N LEU A 107 8.24 -3.50 16.85
CA LEU A 107 8.11 -2.32 17.70
C LEU A 107 6.74 -2.28 18.35
N GLU A 108 6.18 -3.46 18.64
CA GLU A 108 4.77 -3.55 19.04
C GLU A 108 4.55 -3.14 20.49
N ASP A 109 5.49 -3.45 21.37
CA ASP A 109 5.39 -3.12 22.80
C ASP A 109 6.35 -2.00 23.18
N VAL A 110 6.43 -0.96 22.34
CA VAL A 110 7.41 0.11 22.53
C VAL A 110 6.84 1.24 23.38
N GLU A 111 5.57 1.59 23.17
CA GLU A 111 4.93 2.73 23.82
C GLU A 111 5.62 4.03 23.45
N ASP A 117 10.17 11.01 18.18
CA ASP A 117 9.75 10.16 17.07
C ASP A 117 8.64 9.20 17.49
N GLU A 118 7.43 9.47 17.01
CA GLU A 118 6.29 8.61 17.26
C GLU A 118 5.61 8.11 15.99
N LYS A 119 6.02 8.61 14.81
CA LYS A 119 5.48 8.14 13.55
C LYS A 119 6.08 6.81 13.11
N THR A 120 7.11 6.33 13.80
CA THR A 120 7.81 5.11 13.43
C THR A 120 7.08 3.85 13.89
N LEU A 121 6.12 3.98 14.81
CA LEU A 121 5.53 2.82 15.45
C LEU A 121 4.38 2.20 14.67
N TYR A 122 3.90 2.82 13.60
CA TYR A 122 2.70 2.38 12.90
C TYR A 122 3.00 2.08 11.45
N ASP A 123 2.54 0.92 11.00
CA ASP A 123 2.80 0.39 9.64
C ASP A 123 1.77 0.95 8.69
N PRO A 124 2.18 1.68 7.65
CA PRO A 124 1.25 2.27 6.75
C PRO A 124 0.88 1.40 5.59
N HIS A 125 1.43 0.18 5.47
CA HIS A 125 1.13 -0.78 4.38
C HIS A 125 -0.22 -1.42 4.68
N THR A 126 -1.29 -0.65 4.53
CA THR A 126 -2.64 -1.12 4.85
C THR A 126 -3.46 -1.21 3.60
N TRP A 127 -2.89 -1.00 2.43
CA TRP A 127 -3.71 -1.05 1.21
C TRP A 127 -3.67 -2.43 0.59
N LEU A 128 -2.86 -3.31 1.15
CA LEU A 128 -2.69 -4.68 0.61
C LEU A 128 -3.67 -5.60 1.28
N ASP A 129 -4.31 -5.20 2.35
CA ASP A 129 -5.36 -6.07 2.87
C ASP A 129 -6.51 -5.83 1.90
N PRO A 130 -7.18 -6.81 1.32
CA PRO A 130 -8.27 -6.49 0.44
C PRO A 130 -9.35 -5.72 1.19
N GLU A 131 -9.68 -6.12 2.40
CA GLU A 131 -10.74 -5.46 3.19
C GLU A 131 -10.37 -4.02 3.54
N LYS A 132 -9.12 -3.72 3.83
CA LYS A 132 -8.75 -2.34 4.23
C LYS A 132 -8.52 -1.48 3.01
N ALA A 133 -8.43 -2.05 1.83
CA ALA A 133 -8.42 -1.22 0.62
C ALA A 133 -9.82 -0.69 0.46
N GLY A 134 -10.81 -1.54 0.73
CA GLY A 134 -12.24 -1.24 0.67
C GLY A 134 -12.61 -0.18 1.66
N GLU A 135 -12.02 -0.19 2.83
CA GLU A 135 -12.31 0.87 3.81
C GLU A 135 -11.78 2.19 3.29
N GLU A 136 -10.64 2.19 2.63
CA GLU A 136 -10.06 3.41 2.07
C GLU A 136 -10.97 3.93 0.98
N ALA A 137 -11.49 3.05 0.13
CA ALA A 137 -12.36 3.50 -0.97
C ALA A 137 -13.60 4.14 -0.40
N GLN A 138 -14.18 3.59 0.65
CA GLN A 138 -15.37 4.25 1.21
C GLN A 138 -14.99 5.62 1.71
N ILE A 139 -13.87 5.76 2.40
CA ILE A 139 -13.47 7.09 2.94
C ILE A 139 -13.25 8.05 1.79
N ILE A 140 -12.63 7.62 0.71
CA ILE A 140 -12.43 8.56 -0.42
C ILE A 140 -13.80 8.91 -0.97
N ALA A 141 -14.68 7.94 -1.10
CA ALA A 141 -16.00 8.22 -1.69
C ALA A 141 -16.75 9.20 -0.82
N ASP A 142 -16.68 9.06 0.49
CA ASP A 142 -17.39 10.04 1.32
C ASP A 142 -16.73 11.39 1.19
N LYS A 143 -15.42 11.45 1.23
CA LYS A 143 -14.69 12.73 1.18
C LYS A 143 -14.90 13.42 -0.16
N LEU A 144 -14.86 12.69 -1.26
CA LEU A 144 -15.06 13.33 -2.56
C LEU A 144 -16.51 13.77 -2.65
N SER A 145 -17.40 13.21 -1.84
CA SER A 145 -18.85 13.52 -1.89
C SER A 145 -19.20 14.62 -0.91
N GLU A 146 -18.20 15.23 -0.31
CA GLU A 146 -18.41 16.42 0.56
C GLU A 146 -17.91 17.56 -0.31
N VAL A 147 -16.90 17.25 -1.10
CA VAL A 147 -16.26 18.23 -2.02
C VAL A 147 -17.05 18.47 -3.32
N ASP A 148 -17.57 17.42 -3.94
CA ASP A 148 -18.37 17.58 -5.18
C ASP A 148 -19.63 16.79 -4.93
N SER A 149 -20.49 17.34 -4.08
CA SER A 149 -21.73 16.72 -3.57
C SER A 149 -22.71 16.34 -4.67
N GLU A 150 -22.74 17.06 -5.75
CA GLU A 150 -23.73 16.74 -6.79
C GLU A 150 -23.55 15.34 -7.34
N HIS A 151 -22.31 14.88 -7.53
CA HIS A 151 -22.02 13.56 -8.13
C HIS A 151 -21.83 12.50 -7.04
N LYS A 152 -22.30 12.80 -5.82
CA LYS A 152 -22.15 11.89 -4.65
C LYS A 152 -22.85 10.55 -4.85
N GLU A 153 -23.97 10.52 -5.56
CA GLU A 153 -24.72 9.26 -5.72
C GLU A 153 -23.87 8.30 -6.52
N THR A 154 -22.87 8.81 -7.23
CA THR A 154 -22.01 7.95 -8.10
C THR A 154 -20.77 7.54 -7.33
N TYR A 155 -20.24 8.45 -6.53
CA TYR A 155 -19.06 8.11 -5.71
C TYR A 155 -19.44 6.94 -4.83
N GLN A 156 -20.62 6.95 -4.22
CA GLN A 156 -20.96 5.80 -3.36
C GLN A 156 -21.26 4.57 -4.21
N LYS A 157 -21.94 4.69 -5.33
CA LYS A 157 -22.35 3.50 -6.10
C LYS A 157 -21.12 2.74 -6.57
N ASN A 158 -20.05 3.47 -6.89
CA ASN A 158 -18.79 2.87 -7.41
C ASN A 158 -17.95 2.43 -6.23
N ALA A 159 -18.07 3.11 -5.10
CA ALA A 159 -17.27 2.71 -3.94
C ALA A 159 -17.87 1.42 -3.44
N GLN A 160 -19.19 1.34 -3.42
CA GLN A 160 -19.91 0.14 -2.93
C GLN A 160 -19.65 -1.07 -3.83
N ALA A 161 -19.39 -0.88 -5.12
CA ALA A 161 -19.15 -1.98 -6.07
C ALA A 161 -17.73 -2.51 -5.91
N PHE A 162 -16.80 -1.67 -5.47
CA PHE A 162 -15.38 -2.07 -5.31
C PHE A 162 -15.27 -2.85 -4.01
N ILE A 163 -15.96 -2.40 -2.98
CA ILE A 163 -15.91 -3.17 -1.72
C ILE A 163 -16.49 -4.54 -1.95
N LYS A 164 -17.54 -4.68 -2.76
CA LYS A 164 -18.11 -6.03 -2.92
C LYS A 164 -17.10 -6.94 -3.60
N LYS A 165 -16.46 -6.50 -4.68
CA LYS A 165 -15.47 -7.37 -5.37
C LYS A 165 -14.26 -7.62 -4.45
N ALA A 166 -13.93 -6.69 -3.58
CA ALA A 166 -12.85 -6.92 -2.61
C ALA A 166 -13.31 -7.95 -1.60
N GLN A 167 -14.56 -7.90 -1.18
CA GLN A 167 -15.16 -8.92 -0.28
C GLN A 167 -15.30 -10.22 -1.05
N GLU A 168 -15.58 -10.16 -2.35
CA GLU A 168 -15.73 -11.39 -3.17
C GLU A 168 -14.37 -12.10 -3.26
N LEU A 169 -13.30 -11.30 -3.32
CA LEU A 169 -11.89 -11.75 -3.40
C LEU A 169 -11.30 -12.15 -2.06
N THR A 170 -11.91 -11.78 -0.95
CA THR A 170 -11.31 -12.13 0.35
C THR A 170 -11.86 -13.44 0.86
N LYS A 171 -13.07 -13.81 0.48
CA LYS A 171 -13.71 -15.07 0.93
C LYS A 171 -13.33 -16.20 -0.03
N LYS A 172 -12.60 -15.86 -1.09
CA LYS A 172 -12.12 -16.84 -2.10
C LYS A 172 -10.75 -17.37 -1.67
N PHE A 173 -9.88 -16.49 -1.15
CA PHE A 173 -8.54 -16.93 -0.72
C PHE A 173 -8.57 -17.36 0.73
N GLN A 174 -9.69 -17.19 1.41
CA GLN A 174 -9.69 -17.59 2.82
C GLN A 174 -9.43 -19.09 2.91
N PRO A 175 -10.13 -19.93 2.16
CA PRO A 175 -9.93 -21.37 2.24
C PRO A 175 -8.55 -21.77 1.73
N LYS A 176 -8.05 -21.12 0.69
CA LYS A 176 -6.74 -21.51 0.15
C LYS A 176 -5.67 -21.33 1.22
N PHE A 177 -5.72 -20.22 1.92
CA PHE A 177 -4.75 -19.93 3.01
C PHE A 177 -5.01 -20.86 4.17
N GLU A 178 -6.27 -21.21 4.41
CA GLU A 178 -6.69 -22.08 5.54
C GLU A 178 -6.03 -23.46 5.40
N LYS A 179 -5.89 -23.98 4.19
CA LYS A 179 -5.33 -25.32 3.96
C LYS A 179 -3.84 -25.27 3.65
N ALA A 180 -3.19 -24.13 3.82
CA ALA A 180 -1.76 -24.09 3.50
C ALA A 180 -1.00 -24.78 4.62
N THR A 181 -0.01 -25.60 4.27
CA THR A 181 0.78 -26.27 5.33
C THR A 181 1.75 -25.30 5.97
N GLN A 182 2.35 -24.43 5.15
CA GLN A 182 3.34 -23.46 5.67
C GLN A 182 2.72 -22.08 5.71
N LYS A 183 2.69 -21.47 6.87
CA LYS A 183 2.06 -20.16 7.05
C LYS A 183 3.10 -19.08 7.29
N THR A 184 4.36 -19.28 6.94
CA THR A 184 5.36 -18.22 7.20
C THR A 184 6.06 -17.85 5.90
N PHE A 185 6.26 -16.57 5.63
CA PHE A 185 6.99 -16.16 4.41
C PHE A 185 7.90 -15.00 4.73
N VAL A 186 8.93 -14.79 3.93
CA VAL A 186 9.92 -13.71 4.16
C VAL A 186 9.88 -12.79 2.96
N THR A 187 9.87 -11.48 3.15
CA THR A 187 9.76 -10.55 2.00
C THR A 187 10.90 -9.55 2.02
N GLN A 188 11.17 -8.89 0.91
CA GLN A 188 12.31 -7.96 0.88
C GLN A 188 12.15 -6.87 1.90
N HIS A 189 10.97 -6.30 2.04
CA HIS A 189 10.74 -5.25 3.06
C HIS A 189 9.45 -5.56 3.80
N THR A 190 9.24 -4.96 4.94
CA THR A 190 8.06 -5.33 5.72
C THR A 190 6.82 -4.63 5.18
N ALA A 191 6.16 -5.20 4.18
CA ALA A 191 4.95 -4.61 3.58
C ALA A 191 3.73 -5.53 3.66
N PHE A 192 3.90 -6.78 4.02
CA PHE A 192 2.74 -7.70 3.94
C PHE A 192 2.17 -8.03 5.31
N SER A 193 2.40 -7.15 6.26
CA SER A 193 1.94 -7.36 7.65
C SER A 193 0.43 -7.39 7.75
N TYR A 194 -0.28 -6.56 7.01
CA TYR A 194 -1.75 -6.52 7.11
C TYR A 194 -2.35 -7.68 6.36
N LEU A 195 -1.78 -7.97 5.20
CA LEU A 195 -2.24 -9.12 4.43
C LEU A 195 -1.99 -10.42 5.18
N ALA A 196 -0.85 -10.53 5.87
CA ALA A 196 -0.55 -11.75 6.61
C ALA A 196 -1.51 -11.91 7.79
N LYS A 197 -1.74 -10.83 8.54
CA LYS A 197 -2.68 -10.92 9.66
C LYS A 197 -4.10 -11.17 9.19
N ARG A 198 -4.42 -10.77 7.94
CA ARG A 198 -5.77 -11.01 7.42
C ARG A 198 -6.05 -12.50 7.29
N PHE A 199 -5.08 -13.27 6.79
CA PHE A 199 -5.27 -14.69 6.52
C PHE A 199 -4.49 -15.59 7.48
N GLY A 200 -4.14 -15.08 8.66
CA GLY A 200 -3.47 -15.88 9.66
C GLY A 200 -2.11 -16.39 9.25
N LEU A 201 -1.26 -15.50 8.76
CA LEU A 201 0.09 -15.85 8.34
C LEU A 201 1.11 -15.10 9.18
N ASN A 202 2.35 -15.59 9.17
CA ASN A 202 3.45 -14.98 9.89
C ASN A 202 4.53 -14.57 8.90
N GLN A 203 4.72 -13.27 8.73
CA GLN A 203 5.68 -12.73 7.78
C GLN A 203 6.88 -12.12 8.49
N LEU A 204 7.99 -12.08 7.78
CA LEU A 204 9.20 -11.40 8.25
C LEU A 204 9.80 -10.61 7.10
N GLY A 205 10.04 -9.33 7.34
CA GLY A 205 10.66 -8.47 6.34
C GLY A 205 12.15 -8.35 6.57
N ILE A 206 12.91 -8.43 5.47
CA ILE A 206 14.36 -8.26 5.56
C ILE A 206 14.70 -6.81 5.90
N ALA A 207 14.21 -5.86 5.10
CA ALA A 207 14.54 -4.45 5.26
C ALA A 207 13.60 -3.71 6.20
N GLY A 208 12.56 -4.37 6.70
CA GLY A 208 11.69 -3.71 7.64
C GLY A 208 10.71 -2.75 6.98
N ILE A 209 10.33 -1.71 7.72
CA ILE A 209 9.25 -0.83 7.30
C ILE A 209 9.62 0.02 6.09
N SER A 210 10.93 0.19 5.82
CA SER A 210 11.38 1.01 4.72
C SER A 210 12.54 0.31 4.03
N PRO A 211 12.56 0.25 2.70
CA PRO A 211 13.67 -0.43 2.01
C PRO A 211 15.02 0.18 2.28
N GLU A 212 15.08 1.42 2.77
CA GLU A 212 16.34 2.02 3.17
C GLU A 212 16.76 1.64 4.59
N GLN A 213 16.00 0.78 5.26
CA GLN A 213 16.35 0.30 6.60
C GLN A 213 17.01 -1.08 6.49
N GLU A 214 18.21 -1.07 5.92
CA GLU A 214 18.94 -2.32 5.75
C GLU A 214 19.25 -2.93 7.11
N PRO A 215 19.24 -4.25 7.24
CA PRO A 215 19.40 -4.87 8.56
C PRO A 215 20.79 -4.66 9.13
N SER A 216 20.87 -4.74 10.46
CA SER A 216 22.14 -4.78 11.15
C SER A 216 22.70 -6.20 11.13
N PRO A 217 24.00 -6.37 11.40
CA PRO A 217 24.58 -7.72 11.40
C PRO A 217 23.85 -8.71 12.30
N ARG A 218 23.49 -8.29 13.52
CA ARG A 218 22.73 -9.17 14.40
C ARG A 218 21.36 -9.48 13.80
N GLN A 219 20.72 -8.48 13.18
CA GLN A 219 19.43 -8.71 12.56
C GLN A 219 19.55 -9.64 11.36
N LEU A 220 20.66 -9.53 10.61
CA LEU A 220 20.88 -10.43 9.48
C LEU A 220 21.08 -11.86 9.96
N THR A 221 21.86 -12.05 11.03
CA THR A 221 22.04 -13.38 11.61
C THR A 221 20.71 -13.95 12.09
N GLU A 222 19.89 -13.11 12.74
CA GLU A 222 18.58 -13.57 13.20
C GLU A 222 17.66 -13.91 12.03
N ILE A 223 17.78 -13.20 10.92
CA ILE A 223 16.97 -13.53 9.74
C ILE A 223 17.40 -14.88 9.17
N GLN A 224 18.71 -15.15 9.14
CA GLN A 224 19.17 -16.46 8.71
C GLN A 224 18.64 -17.55 9.63
N GLU A 225 18.70 -17.33 10.95
CA GLU A 225 18.18 -18.29 11.90
C GLU A 225 16.68 -18.51 11.69
N PHE A 226 15.95 -17.43 11.39
CA PHE A 226 14.50 -17.54 11.18
C PHE A 226 14.19 -18.35 9.93
N VAL A 227 14.93 -18.11 8.84
CA VAL A 227 14.70 -18.87 7.61
C VAL A 227 15.04 -20.33 7.82
N LYS A 228 16.09 -20.62 8.59
CA LYS A 228 16.45 -22.01 8.85
C LYS A 228 15.46 -22.69 9.79
N THR A 229 14.85 -21.95 10.70
CA THR A 229 13.98 -22.54 11.71
C THR A 229 12.63 -22.95 11.12
N TYR A 230 11.94 -22.00 10.49
CA TYR A 230 10.59 -22.22 10.00
C TYR A 230 10.56 -22.82 8.60
N LYS A 231 11.72 -23.26 8.09
CA LYS A 231 11.80 -23.97 6.81
C LYS A 231 11.24 -23.13 5.67
N VAL A 232 11.59 -21.84 5.64
CA VAL A 232 11.16 -20.95 4.58
C VAL A 232 11.92 -21.29 3.31
N LYS A 233 11.20 -21.71 2.27
CA LYS A 233 11.84 -22.21 1.06
C LYS A 233 12.22 -21.09 0.10
N THR A 234 11.39 -20.06 -0.02
CA THR A 234 11.63 -18.98 -0.95
C THR A 234 11.60 -17.63 -0.23
N ILE A 235 12.25 -16.65 -0.82
CA ILE A 235 12.27 -15.27 -0.33
C ILE A 235 11.66 -14.40 -1.41
N PHE A 236 10.57 -13.71 -1.06
CA PHE A 236 9.88 -12.84 -2.01
C PHE A 236 10.61 -11.50 -2.09
N THR A 237 11.01 -11.11 -3.29
CA THR A 237 11.74 -9.89 -3.53
C THR A 237 10.91 -8.91 -4.37
N GLU A 238 11.49 -7.75 -4.64
CA GLU A 238 10.85 -6.70 -5.41
C GLU A 238 11.63 -6.44 -6.68
N SER A 239 10.91 -6.07 -7.74
CA SER A 239 11.54 -5.77 -9.02
C SER A 239 11.62 -4.27 -9.26
N SER A 243 16.80 -4.59 -3.89
CA SER A 243 17.82 -4.67 -2.85
C SER A 243 18.86 -5.74 -3.17
N LYS A 244 20.06 -5.57 -2.62
CA LYS A 244 21.14 -6.52 -2.84
C LYS A 244 21.39 -7.45 -1.66
N VAL A 245 21.12 -7.00 -0.44
CA VAL A 245 21.30 -7.87 0.73
C VAL A 245 20.39 -9.08 0.63
N ALA A 246 19.16 -8.89 0.16
CA ALA A 246 18.25 -10.01 -0.04
C ALA A 246 18.79 -11.00 -1.07
N GLU A 247 19.65 -10.56 -1.98
CA GLU A 247 20.24 -11.42 -2.99
C GLU A 247 21.50 -12.14 -2.51
N THR A 248 21.87 -11.98 -1.23
CA THR A 248 22.97 -12.72 -0.65
C THR A 248 22.53 -13.84 0.29
N LEU A 249 21.32 -13.75 0.85
CA LEU A 249 20.82 -14.81 1.72
C LEU A 249 20.55 -16.10 0.96
N VAL A 250 20.42 -16.03 -0.36
CA VAL A 250 20.23 -17.25 -1.16
C VAL A 250 21.44 -18.17 -1.01
N LYS A 251 22.63 -17.59 -0.87
CA LYS A 251 23.83 -18.41 -0.69
C LYS A 251 23.87 -19.02 0.71
N SER A 252 23.62 -18.20 1.74
CA SER A 252 23.77 -18.66 3.11
C SER A 252 22.62 -19.57 3.55
N THR A 253 21.49 -19.55 2.86
CA THR A 253 20.34 -20.35 3.24
C THR A 253 19.88 -21.34 2.17
N GLY A 254 20.20 -21.11 0.90
CA GLY A 254 19.76 -22.00 -0.15
C GLY A 254 18.34 -21.80 -0.59
N VAL A 255 17.76 -20.63 -0.38
CA VAL A 255 16.37 -20.37 -0.70
C VAL A 255 16.25 -19.99 -2.17
N GLY A 256 15.02 -19.86 -2.66
CA GLY A 256 14.77 -19.43 -4.01
C GLY A 256 14.21 -18.02 -4.05
N LEU A 257 14.25 -17.37 -5.22
CA LEU A 257 13.82 -15.99 -5.37
C LEU A 257 12.58 -15.95 -6.25
N LYS A 258 11.43 -15.63 -5.66
CA LYS A 258 10.19 -15.42 -6.38
C LYS A 258 9.74 -13.97 -6.19
N THR A 259 9.09 -13.43 -7.22
CA THR A 259 8.71 -12.02 -7.22
C THR A 259 7.38 -11.82 -6.51
N LEU A 260 7.26 -10.70 -5.79
CA LEU A 260 6.03 -10.32 -5.12
C LEU A 260 5.99 -8.80 -5.03
N ASN A 261 5.10 -8.17 -5.80
CA ASN A 261 5.04 -6.71 -5.85
C ASN A 261 4.14 -6.20 -4.74
N PRO A 262 4.62 -5.29 -3.88
CA PRO A 262 3.74 -4.71 -2.85
C PRO A 262 2.86 -3.61 -3.41
N LEU A 263 2.80 -3.50 -4.74
CA LEU A 263 2.04 -2.44 -5.42
C LEU A 263 2.49 -1.05 -4.98
N GLN A 264 3.78 -0.91 -4.67
CA GLN A 264 4.37 0.38 -4.35
C GLN A 264 4.33 1.36 -5.52
N SER A 265 4.08 0.86 -6.74
CA SER A 265 4.14 1.68 -7.94
C SER A 265 3.19 1.09 -8.98
N ASP A 266 3.15 1.74 -10.14
CA ASP A 266 2.25 1.33 -11.21
C ASP A 266 2.75 0.06 -11.88
N PRO A 267 1.97 -1.02 -11.90
CA PRO A 267 2.40 -2.22 -12.64
C PRO A 267 2.45 -2.01 -14.13
N GLN A 268 1.76 -0.98 -14.66
CA GLN A 268 1.75 -0.65 -16.08
C GLN A 268 1.25 -1.84 -16.91
N ASN A 269 -0.03 -2.12 -16.74
CA ASN A 269 -0.70 -3.17 -17.50
C ASN A 269 -2.17 -2.82 -17.58
N ASP A 270 -3.00 -3.80 -17.96
CA ASP A 270 -4.42 -3.58 -18.17
C ASP A 270 -5.27 -3.92 -16.95
N LYS A 271 -4.71 -4.64 -15.98
CA LYS A 271 -5.50 -5.06 -14.83
C LYS A 271 -5.87 -3.88 -13.94
N THR A 272 -6.97 -4.03 -13.21
CA THR A 272 -7.35 -3.06 -12.19
C THR A 272 -6.54 -3.31 -10.92
N TYR A 273 -6.84 -2.54 -9.87
CA TYR A 273 -6.09 -2.67 -8.62
C TYR A 273 -6.35 -4.01 -7.96
N LEU A 274 -7.62 -4.36 -7.76
CA LEU A 274 -7.96 -5.61 -7.10
C LEU A 274 -7.47 -6.82 -7.89
N GLU A 275 -7.40 -6.70 -9.22
CA GLU A 275 -6.88 -7.82 -10.01
C GLU A 275 -5.39 -8.03 -9.77
N ASN A 276 -4.62 -6.95 -9.68
CA ASN A 276 -3.21 -7.08 -9.35
C ASN A 276 -3.02 -7.62 -7.94
N LEU A 277 -3.84 -7.16 -7.00
CA LEU A 277 -3.79 -7.69 -5.65
C LEU A 277 -4.09 -9.19 -5.64
N GLU A 278 -5.07 -9.58 -6.46
CA GLU A 278 -5.47 -11.01 -6.60
C GLU A 278 -4.28 -11.81 -7.15
N GLU A 279 -3.57 -11.26 -8.14
CA GLU A 279 -2.41 -11.95 -8.71
C GLU A 279 -1.31 -12.15 -7.68
N ASN A 280 -1.03 -11.11 -6.89
CA ASN A 280 -0.01 -11.24 -5.84
C ASN A 280 -0.42 -12.27 -4.80
N MET A 281 -1.69 -12.23 -4.38
CA MET A 281 -2.18 -13.22 -3.42
C MET A 281 -2.14 -14.63 -3.99
N SER A 282 -2.35 -14.77 -5.31
CA SER A 282 -2.31 -16.08 -5.94
C SER A 282 -0.89 -16.63 -5.96
N ILE A 283 0.09 -15.78 -6.27
CA ILE A 283 1.49 -16.19 -6.15
C ILE A 283 1.79 -16.64 -4.72
N LEU A 284 1.38 -15.82 -3.76
CA LEU A 284 1.64 -16.15 -2.35
C LEU A 284 1.00 -17.46 -1.94
N ALA A 285 -0.22 -17.72 -2.41
CA ALA A 285 -0.93 -18.95 -2.02
C ALA A 285 -0.33 -20.16 -2.71
N GLU A 286 0.10 -20.02 -3.95
CA GLU A 286 0.73 -21.14 -4.65
C GLU A 286 2.08 -21.47 -4.06
N GLU A 287 2.79 -20.48 -3.51
CA GLU A 287 4.07 -20.78 -2.89
C GLU A 287 3.90 -21.51 -1.55
N LEU A 288 2.94 -21.06 -0.73
CA LEU A 288 2.79 -21.60 0.62
C LEU A 288 2.03 -22.92 0.62
N LYS A 289 2.48 -23.88 -0.18
CA LYS A 289 1.85 -25.20 -0.21
C LYS A 289 2.91 -26.30 -0.32
ZN ZN B . 6.95 -0.34 1.94
ZN ZN C . -22.91 14.41 -13.81
ZN ZN D . -18.43 16.53 -10.01
ZN ZN E . 2.61 -7.28 22.46
ZN ZN F . -3.08 13.00 9.36
ZN ZN G . -11.02 -12.23 -9.76
ZN ZN H . 16.80 14.72 0.45
ZN ZN I . -10.22 15.54 8.84
ZN ZN J . 19.76 -16.00 17.39
ZN ZN K . -13.06 -20.55 7.35
CL CL L . 5.88 -0.18 0.05
#